data_1MD2
#
_entry.id   1MD2
#
_cell.length_a   102.124
_cell.length_b   66.176
_cell.length_c   78.221
_cell.angle_alpha   90.00
_cell.angle_beta   106.33
_cell.angle_gamma   90.00
#
_symmetry.space_group_name_H-M   'C 1 2 1'
#
loop_
_entity.id
_entity.type
_entity.pdbx_description
1 polymer 'CHOLERA TOXIN B SUBUNIT'
2 non-polymer '[5-(3,4,5-TRIHYDROXY-6-HYDROXYMETHYL-TETRAHYDRO-PYRAN-2-YLCARBAMOYL)-PENTYL]-CARBAMIC ACID METHYL ESTER'
3 non-polymer 3-ETHYLAMINO-4-METHYLAMINO-CYCLOBUTANE-1,2-DIONE
4 non-polymer 'CYANIDE ION'
5 water water
#
_entity_poly.entity_id   1
_entity_poly.type   'polypeptide(L)'
_entity_poly.pdbx_seq_one_letter_code
;TPQNITDL(CSS)AEYHNTQIHTLNDKIFSYTESLAGKREMAIITFKNGATFQVEVPGSQHIDSQKKAIERMKDTLRIAY
LTEAKVEKLCVWNNKTPHAIAAISMAN
;
_entity_poly.pdbx_strand_id   D,E,F,G,H
#
# COMPACT_ATOMS: atom_id res chain seq x y z
N THR A 1 -26.23 -10.56 3.38
CA THR A 1 -24.91 -11.25 3.13
C THR A 1 -24.40 -11.84 4.39
N PRO A 2 -23.42 -12.74 4.39
CA PRO A 2 -23.00 -13.39 5.63
C PRO A 2 -22.54 -12.40 6.66
N GLN A 3 -22.66 -12.79 7.94
CA GLN A 3 -22.19 -11.82 8.96
C GLN A 3 -20.87 -12.29 9.57
N ASN A 4 -20.37 -13.46 9.08
CA ASN A 4 -19.12 -13.91 9.67
C ASN A 4 -18.51 -14.95 8.71
N ILE A 5 -17.28 -15.31 8.98
CA ILE A 5 -16.57 -16.22 8.08
C ILE A 5 -17.16 -17.62 8.04
N THR A 6 -17.72 -18.08 9.17
CA THR A 6 -18.26 -19.45 9.20
C THR A 6 -19.44 -19.55 8.26
N ASP A 7 -20.31 -18.53 8.35
CA ASP A 7 -21.49 -18.50 7.53
C ASP A 7 -21.13 -18.32 6.05
N LEU A 8 -20.10 -17.50 5.78
CA LEU A 8 -19.68 -17.33 4.38
C LEU A 8 -19.12 -18.63 3.83
N ALA A 10 -19.78 -21.64 4.65
CA ALA A 10 -20.84 -22.62 4.44
C ALA A 10 -21.53 -22.51 3.11
N GLU A 11 -21.44 -21.37 2.42
CA GLU A 11 -22.05 -21.15 1.13
C GLU A 11 -21.34 -21.83 -0.05
N TYR A 12 -20.18 -22.41 0.19
CA TYR A 12 -19.34 -22.95 -0.87
C TYR A 12 -19.12 -24.44 -0.74
N HIS A 13 -18.99 -25.12 -1.85
CA HIS A 13 -18.64 -26.53 -1.86
C HIS A 13 -17.15 -26.70 -1.64
N ASN A 14 -16.77 -27.85 -1.13
CA ASN A 14 -15.41 -28.25 -0.89
C ASN A 14 -14.69 -27.26 -0.01
N THR A 15 -15.31 -26.72 1.02
CA THR A 15 -14.65 -25.84 1.93
C THR A 15 -14.70 -26.38 3.35
N GLN A 16 -13.84 -25.85 4.20
CA GLN A 16 -13.89 -26.08 5.61
C GLN A 16 -13.24 -24.91 6.31
N ILE A 17 -13.58 -24.75 7.59
CA ILE A 17 -12.97 -23.80 8.45
C ILE A 17 -11.84 -24.46 9.20
N HIS A 18 -10.70 -23.81 9.29
CA HIS A 18 -9.66 -24.13 10.20
C HIS A 18 -9.67 -22.99 11.25
N THR A 19 -9.58 -23.36 12.54
CA THR A 19 -9.46 -22.34 13.59
C THR A 19 -8.02 -22.34 14.07
N LEU A 20 -7.37 -21.24 13.84
CA LEU A 20 -5.97 -21.12 14.20
C LEU A 20 -5.74 -20.43 15.53
N ASN A 21 -6.38 -19.27 15.67
CA ASN A 21 -6.18 -18.44 16.83
C ASN A 21 -4.71 -18.27 17.16
N ASP A 22 -3.94 -17.91 16.11
CA ASP A 22 -2.50 -17.80 16.25
C ASP A 22 -1.98 -16.87 15.14
N LYS A 23 -0.82 -16.30 15.38
CA LYS A 23 -0.16 -15.53 14.32
C LYS A 23 0.41 -16.52 13.30
N ILE A 24 0.71 -15.93 12.11
CA ILE A 24 1.33 -16.70 11.03
C ILE A 24 2.76 -16.95 11.36
N PHE A 25 3.21 -18.22 11.17
CA PHE A 25 4.59 -18.61 11.41
C PHE A 25 5.48 -18.27 10.23
N SER A 26 5.07 -18.52 9.03
CA SER A 26 5.90 -18.14 7.87
C SER A 26 5.02 -17.64 6.74
N TYR A 27 5.66 -16.78 5.92
CA TYR A 27 5.04 -16.18 4.78
C TYR A 27 5.98 -16.32 3.55
N THR A 28 5.45 -16.94 2.52
CA THR A 28 6.25 -17.15 1.28
C THR A 28 5.52 -16.57 0.12
N GLU A 29 6.21 -15.88 -0.82
CA GLU A 29 5.54 -15.45 -2.04
C GLU A 29 6.58 -15.61 -3.17
N SER A 30 5.99 -15.86 -4.30
CA SER A 30 6.70 -16.14 -5.56
C SER A 30 6.23 -15.36 -6.77
N LEU A 31 7.24 -15.01 -7.60
CA LEU A 31 7.00 -14.36 -8.87
C LEU A 31 7.35 -15.27 -10.05
N ALA A 32 7.69 -16.55 -9.72
CA ALA A 32 8.08 -17.48 -10.81
C ALA A 32 6.88 -17.80 -11.70
N GLY A 33 7.08 -17.90 -13.00
CA GLY A 33 6.02 -18.08 -13.96
C GLY A 33 5.17 -19.31 -13.66
N LYS A 34 3.89 -19.07 -13.60
CA LYS A 34 2.89 -20.07 -13.35
C LYS A 34 2.84 -20.48 -11.86
N ARG A 35 3.63 -19.80 -11.02
CA ARG A 35 3.59 -20.05 -9.59
C ARG A 35 3.58 -18.72 -8.87
N GLU A 36 2.78 -17.81 -9.42
CA GLU A 36 2.65 -16.47 -8.78
C GLU A 36 1.61 -16.57 -7.66
N MET A 37 2.05 -16.95 -6.49
CA MET A 37 1.25 -17.42 -5.36
C MET A 37 1.90 -17.05 -4.04
N ALA A 38 1.14 -17.26 -2.95
CA ALA A 38 1.62 -17.09 -1.61
C ALA A 38 1.32 -18.37 -0.84
N ILE A 39 2.18 -18.65 0.09
CA ILE A 39 2.00 -19.82 0.97
C ILE A 39 2.24 -19.33 2.38
N ILE A 40 1.38 -19.76 3.33
CA ILE A 40 1.61 -19.43 4.73
C ILE A 40 1.60 -20.73 5.54
N THR A 41 2.33 -20.68 6.66
CA THR A 41 2.23 -21.81 7.60
C THR A 41 2.01 -21.22 8.99
N PHE A 42 1.55 -22.13 9.88
CA PHE A 42 1.38 -21.86 11.29
C PHE A 42 2.31 -22.79 12.08
N LYS A 43 2.53 -22.48 13.35
CA LYS A 43 3.45 -23.33 14.13
C LYS A 43 2.95 -24.75 14.35
N ASN A 44 1.66 -25.02 14.16
CA ASN A 44 1.17 -26.41 14.25
C ASN A 44 1.43 -27.17 12.96
N GLY A 45 2.08 -26.58 11.96
CA GLY A 45 2.48 -27.20 10.69
C GLY A 45 1.51 -27.00 9.55
N ALA A 46 0.33 -26.42 9.88
CA ALA A 46 -0.71 -26.24 8.91
C ALA A 46 -0.18 -25.29 7.82
N THR A 47 -0.42 -25.68 6.61
CA THR A 47 0.05 -24.91 5.44
C THR A 47 -1.09 -24.62 4.49
N PHE A 48 -1.12 -23.34 4.03
CA PHE A 48 -2.17 -22.85 3.20
C PHE A 48 -1.63 -22.04 1.99
N GLN A 49 -2.35 -22.02 0.93
CA GLN A 49 -1.93 -21.22 -0.24
C GLN A 49 -2.99 -20.19 -0.59
N VAL A 50 -2.52 -19.12 -1.24
CA VAL A 50 -3.35 -18.29 -2.10
C VAL A 50 -3.05 -18.77 -3.53
N GLU A 51 -4.03 -19.37 -4.18
CA GLU A 51 -3.74 -19.99 -5.47
C GLU A 51 -3.32 -18.96 -6.51
N VAL A 52 -2.62 -19.47 -7.50
CA VAL A 52 -2.34 -18.70 -8.71
C VAL A 52 -3.62 -18.38 -9.41
N PRO A 53 -3.83 -17.16 -9.93
CA PRO A 53 -5.05 -16.83 -10.64
C PRO A 53 -5.17 -17.75 -11.84
N GLY A 54 -6.32 -18.34 -11.97
CA GLY A 54 -6.58 -19.32 -12.98
C GLY A 54 -7.96 -19.27 -13.55
N SER A 55 -8.26 -20.25 -14.43
CA SER A 55 -9.55 -20.22 -15.08
C SER A 55 -10.68 -20.60 -14.17
N GLN A 56 -10.38 -21.10 -12.96
CA GLN A 56 -11.43 -21.33 -11.99
C GLN A 56 -11.87 -20.00 -11.36
N HIS A 57 -11.18 -18.90 -11.50
CA HIS A 57 -11.53 -17.63 -10.87
C HIS A 57 -12.30 -16.73 -11.80
N ILE A 58 -13.30 -16.06 -11.34
CA ILE A 58 -14.04 -15.09 -12.10
C ILE A 58 -13.31 -13.76 -11.96
N ASP A 59 -13.63 -12.82 -12.87
CA ASP A 59 -12.89 -11.57 -12.95
C ASP A 59 -12.84 -10.84 -11.61
N SER A 60 -14.01 -10.83 -10.94
CA SER A 60 -14.16 -10.13 -9.68
C SER A 60 -13.24 -10.64 -8.61
N GLN A 61 -12.78 -11.91 -8.72
CA GLN A 61 -11.90 -12.47 -7.77
C GLN A 61 -10.44 -12.02 -7.94
N LYS A 62 -10.10 -11.52 -9.12
CA LYS A 62 -8.70 -11.19 -9.36
C LYS A 62 -8.19 -10.13 -8.43
N LYS A 63 -8.91 -9.03 -8.21
CA LYS A 63 -8.48 -7.98 -7.32
C LYS A 63 -8.43 -8.55 -5.91
N ALA A 64 -9.40 -9.44 -5.56
CA ALA A 64 -9.46 -9.95 -4.18
C ALA A 64 -8.34 -10.88 -3.88
N ILE A 65 -7.85 -11.62 -4.91
CA ILE A 65 -6.69 -12.49 -4.74
C ILE A 65 -5.51 -11.63 -4.38
N GLU A 66 -5.33 -10.48 -5.14
CA GLU A 66 -4.22 -9.60 -4.85
C GLU A 66 -4.34 -9.01 -3.44
N ARG A 67 -5.57 -8.61 -3.05
CA ARG A 67 -5.74 -8.05 -1.73
C ARG A 67 -5.41 -9.06 -0.64
N MET A 68 -5.82 -10.34 -0.86
CA MET A 68 -5.55 -11.38 0.16
C MET A 68 -4.08 -11.55 0.40
N LYS A 69 -3.27 -11.54 -0.74
CA LYS A 69 -1.82 -11.67 -0.50
C LYS A 69 -1.30 -10.46 0.27
N ASP A 70 -1.84 -9.24 -0.01
CA ASP A 70 -1.46 -8.05 0.78
C ASP A 70 -1.81 -8.24 2.26
N THR A 71 -3.03 -8.79 2.48
CA THR A 71 -3.47 -8.97 3.87
C THR A 71 -2.63 -9.93 4.66
N LEU A 72 -2.28 -11.08 4.00
CA LEU A 72 -1.45 -12.07 4.63
C LEU A 72 -0.07 -11.54 4.98
N ARG A 73 0.49 -10.77 4.00
CA ARG A 73 1.80 -10.21 4.25
C ARG A 73 1.82 -9.28 5.46
N ILE A 74 0.85 -8.36 5.48
CA ILE A 74 0.84 -7.43 6.63
C ILE A 74 0.43 -8.09 7.94
N ALA A 75 -0.48 -9.07 7.85
CA ALA A 75 -0.82 -9.84 9.05
C ALA A 75 0.44 -10.50 9.60
N TYR A 76 1.21 -11.15 8.69
CA TYR A 76 2.44 -11.81 9.12
C TYR A 76 3.34 -10.84 9.80
N LEU A 77 3.59 -9.68 9.14
CA LEU A 77 4.57 -8.73 9.65
C LEU A 77 4.16 -8.08 10.96
N THR A 78 2.86 -7.94 11.17
CA THR A 78 2.41 -7.35 12.42
C THR A 78 2.07 -8.37 13.51
N GLU A 79 2.29 -9.63 13.21
CA GLU A 79 1.98 -10.73 14.14
C GLU A 79 0.52 -10.78 14.58
N ALA A 80 -0.32 -10.35 13.69
CA ALA A 80 -1.75 -10.36 13.97
C ALA A 80 -2.26 -11.78 14.14
N LYS A 81 -3.11 -11.96 15.14
CA LYS A 81 -3.71 -13.28 15.31
C LYS A 81 -4.68 -13.55 14.21
N VAL A 82 -4.50 -14.70 13.58
CA VAL A 82 -5.54 -15.16 12.63
C VAL A 82 -6.47 -16.03 13.42
N GLU A 83 -7.76 -15.67 13.38
CA GLU A 83 -8.77 -16.48 14.07
C GLU A 83 -9.07 -17.71 13.22
N LYS A 84 -9.71 -17.52 12.08
CA LYS A 84 -10.05 -18.65 11.22
C LYS A 84 -9.67 -18.42 9.77
N LEU A 85 -9.52 -19.52 9.08
CA LEU A 85 -9.38 -19.53 7.65
C LEU A 85 -10.51 -20.35 7.07
N CYS A 86 -11.21 -19.85 6.07
CA CYS A 86 -12.11 -20.61 5.21
C CYS A 86 -11.26 -21.07 4.03
N VAL A 87 -11.21 -22.39 3.77
CA VAL A 87 -10.37 -22.87 2.71
C VAL A 87 -11.12 -23.82 1.78
N TRP A 88 -10.59 -23.98 0.57
CA TRP A 88 -11.02 -25.12 -0.27
C TRP A 88 -10.09 -26.27 0.05
N ASN A 89 -10.70 -27.44 0.33
CA ASN A 89 -9.93 -28.63 0.71
C ASN A 89 -9.78 -29.60 -0.43
N ASN A 90 -10.07 -29.18 -1.64
CA ASN A 90 -9.85 -29.97 -2.86
C ASN A 90 -8.55 -29.48 -3.58
N LYS A 91 -7.72 -28.78 -2.83
CA LYS A 91 -6.40 -28.34 -3.27
C LYS A 91 -5.45 -28.65 -2.15
N THR A 92 -4.18 -28.93 -2.49
CA THR A 92 -3.17 -29.09 -1.49
C THR A 92 -2.02 -28.20 -1.86
N PRO A 93 -1.51 -27.38 -0.97
CA PRO A 93 -2.14 -27.07 0.31
C PRO A 93 -3.51 -26.49 0.17
N HIS A 94 -4.30 -26.63 1.26
CA HIS A 94 -5.65 -26.06 1.20
C HIS A 94 -5.57 -24.56 0.79
N ALA A 95 -6.53 -24.15 -0.01
CA ALA A 95 -6.50 -22.88 -0.70
C ALA A 95 -7.42 -21.91 0.07
N ILE A 96 -6.84 -20.75 0.38
CA ILE A 96 -7.58 -19.74 1.18
C ILE A 96 -8.70 -19.09 0.38
N ALA A 97 -9.89 -19.07 0.95
CA ALA A 97 -11.06 -18.40 0.42
C ALA A 97 -11.32 -17.14 1.27
N ALA A 98 -11.13 -17.19 2.57
CA ALA A 98 -11.39 -16.07 3.45
C ALA A 98 -10.55 -16.21 4.72
N ILE A 99 -10.37 -15.04 5.37
CA ILE A 99 -9.65 -14.90 6.56
C ILE A 99 -10.38 -14.06 7.58
N SER A 100 -10.32 -14.48 8.87
CA SER A 100 -10.82 -13.60 9.92
C SER A 100 -9.69 -13.37 10.90
N MET A 101 -9.57 -12.15 11.38
CA MET A 101 -8.58 -11.76 12.39
C MET A 101 -9.34 -11.21 13.60
N ALA A 102 -8.91 -11.63 14.76
CA ALA A 102 -9.52 -11.12 15.98
C ALA A 102 -8.53 -11.43 17.10
N ASN A 103 -8.59 -10.61 18.12
CA ASN A 103 -7.76 -10.59 19.29
C ASN A 103 -7.76 -11.84 20.11
N THR B 1 -18.88 21.45 -0.18
CA THR B 1 -18.90 20.01 0.21
C THR B 1 -19.10 19.86 1.69
N PRO B 2 -19.53 18.66 2.15
CA PRO B 2 -19.74 18.42 3.56
C PRO B 2 -18.50 18.61 4.37
N GLN B 3 -18.65 19.04 5.62
CA GLN B 3 -17.51 19.26 6.46
C GLN B 3 -17.27 18.09 7.39
N ASN B 4 -18.25 17.20 7.53
CA ASN B 4 -18.10 16.08 8.47
C ASN B 4 -18.98 14.96 8.00
N ILE B 5 -18.77 13.79 8.61
CA ILE B 5 -19.47 12.56 8.22
C ILE B 5 -20.96 12.60 8.46
N THR B 6 -21.41 13.31 9.49
CA THR B 6 -22.84 13.37 9.76
C THR B 6 -23.56 14.14 8.67
N ASP B 7 -22.96 15.28 8.23
CA ASP B 7 -23.55 16.05 7.16
C ASP B 7 -23.48 15.34 5.83
N LEU B 8 -22.35 14.62 5.61
CA LEU B 8 -22.31 13.83 4.40
C LEU B 8 -23.39 12.78 4.37
N ALA B 10 -26.21 12.57 5.81
CA ALA B 10 -27.50 13.16 5.62
C ALA B 10 -27.82 13.55 4.20
N GLU B 11 -26.89 13.58 3.25
CA GLU B 11 -27.21 13.84 1.86
C GLU B 11 -27.80 12.65 1.14
N TYR B 12 -27.82 11.45 1.76
CA TYR B 12 -28.27 10.26 1.06
C TYR B 12 -29.50 9.65 1.74
N HIS B 13 -30.25 8.93 0.98
CA HIS B 13 -31.35 8.16 1.55
C HIS B 13 -30.80 6.82 2.03
N ASN B 14 -31.56 6.20 2.94
CA ASN B 14 -31.29 4.88 3.46
C ASN B 14 -29.97 4.82 4.17
N THR B 15 -29.56 5.86 4.85
CA THR B 15 -28.37 5.90 5.63
C THR B 15 -28.62 6.29 7.08
N GLN B 16 -27.64 5.87 7.91
CA GLN B 16 -27.65 6.32 9.29
C GLN B 16 -26.23 6.35 9.79
N ILE B 17 -26.01 7.13 10.83
CA ILE B 17 -24.76 7.15 11.54
C ILE B 17 -24.87 6.12 12.68
N HIS B 18 -23.78 5.34 12.78
CA HIS B 18 -23.53 4.55 13.99
C HIS B 18 -22.36 5.21 14.71
N THR B 19 -22.43 5.44 15.99
CA THR B 19 -21.33 5.99 16.75
C THR B 19 -20.70 4.84 17.54
N LEU B 20 -19.45 4.57 17.26
CA LEU B 20 -18.72 3.48 17.87
C LEU B 20 -17.80 3.91 18.98
N ASN B 21 -16.96 4.90 18.66
CA ASN B 21 -15.91 5.35 19.53
C ASN B 21 -15.15 4.18 20.14
N ASP B 22 -14.65 3.33 19.22
CA ASP B 22 -14.01 2.07 19.66
C ASP B 22 -13.20 1.50 18.48
N LYS B 23 -12.19 0.74 18.84
CA LYS B 23 -11.42 0.07 17.78
C LYS B 23 -12.22 -1.05 17.24
N ILE B 24 -11.84 -1.54 16.06
CA ILE B 24 -12.44 -2.68 15.43
C ILE B 24 -12.07 -3.97 16.13
N PHE B 25 -13.06 -4.83 16.46
CA PHE B 25 -12.80 -6.12 17.14
C PHE B 25 -12.36 -7.26 16.23
N SER B 26 -12.96 -7.32 15.06
CA SER B 26 -12.52 -8.36 14.10
C SER B 26 -12.62 -7.81 12.68
N TYR B 27 -11.79 -8.35 11.84
CA TYR B 27 -11.69 -8.00 10.40
C TYR B 27 -11.70 -9.30 9.62
N THR B 28 -12.60 -9.40 8.70
CA THR B 28 -12.77 -10.56 7.84
C THR B 28 -12.79 -10.15 6.38
N GLU B 29 -12.06 -10.87 5.53
CA GLU B 29 -12.06 -10.59 4.11
C GLU B 29 -12.09 -11.89 3.33
N SER B 30 -12.79 -11.80 2.21
CA SER B 30 -13.01 -12.94 1.34
C SER B 30 -12.70 -12.68 -0.14
N LEU B 31 -12.13 -13.70 -0.80
CA LEU B 31 -11.93 -13.71 -2.23
C LEU B 31 -12.83 -14.70 -2.91
N ALA B 32 -13.77 -15.30 -2.18
CA ALA B 32 -14.65 -16.29 -2.79
C ALA B 32 -15.56 -15.61 -3.76
N GLY B 33 -15.85 -16.33 -4.86
CA GLY B 33 -16.58 -15.69 -5.94
C GLY B 33 -17.96 -15.27 -5.53
N LYS B 34 -18.26 -14.03 -5.88
CA LYS B 34 -19.52 -13.40 -5.51
C LYS B 34 -19.61 -12.93 -4.07
N ARG B 35 -18.54 -13.18 -3.31
CA ARG B 35 -18.48 -12.73 -1.93
C ARG B 35 -17.16 -12.03 -1.65
N GLU B 36 -16.74 -11.21 -2.63
CA GLU B 36 -15.46 -10.47 -2.51
C GLU B 36 -15.76 -9.22 -1.73
N MET B 37 -15.75 -9.39 -0.42
CA MET B 37 -16.19 -8.40 0.56
C MET B 37 -15.34 -8.43 1.79
N ALA B 38 -15.62 -7.42 2.63
CA ALA B 38 -14.99 -7.32 3.95
C ALA B 38 -16.11 -7.22 4.98
N ILE B 39 -15.88 -7.76 6.16
CA ILE B 39 -16.80 -7.66 7.28
C ILE B 39 -16.03 -7.22 8.51
N ILE B 40 -16.51 -6.24 9.26
CA ILE B 40 -15.86 -5.88 10.49
C ILE B 40 -16.89 -5.99 11.63
N THR B 41 -16.38 -6.29 12.83
CA THR B 41 -17.25 -6.26 13.99
C THR B 41 -16.60 -5.42 15.08
N PHE B 42 -17.44 -4.97 16.03
CA PHE B 42 -17.06 -4.25 17.21
C PHE B 42 -17.37 -5.11 18.45
N LYS B 43 -16.76 -4.81 19.58
CA LYS B 43 -17.03 -5.63 20.75
C LYS B 43 -18.44 -5.57 21.29
N ASN B 44 -19.20 -4.56 20.90
CA ASN B 44 -20.62 -4.52 21.23
C ASN B 44 -21.46 -5.38 20.33
N GLY B 45 -20.90 -6.17 19.43
CA GLY B 45 -21.51 -7.06 18.47
C GLY B 45 -21.91 -6.47 17.14
N ALA B 46 -21.74 -5.13 17.06
CA ALA B 46 -22.15 -4.50 15.80
C ALA B 46 -21.31 -5.01 14.63
N THR B 47 -21.98 -5.31 13.55
CA THR B 47 -21.27 -5.92 12.39
C THR B 47 -21.62 -5.10 11.15
N PHE B 48 -20.58 -4.84 10.32
CA PHE B 48 -20.72 -4.03 9.11
C PHE B 48 -20.00 -4.66 7.93
N GLN B 49 -20.47 -4.41 6.74
CA GLN B 49 -19.79 -4.90 5.55
C GLN B 49 -19.31 -3.78 4.63
N VAL B 50 -18.28 -4.11 3.87
CA VAL B 50 -18.01 -3.34 2.67
C VAL B 50 -18.59 -4.20 1.54
N GLU B 51 -19.65 -3.74 0.87
CA GLU B 51 -20.30 -4.62 -0.08
C GLU B 51 -19.43 -5.06 -1.22
N VAL B 52 -19.80 -6.17 -1.81
CA VAL B 52 -19.19 -6.63 -3.08
C VAL B 52 -19.51 -5.60 -4.13
N PRO B 53 -18.60 -5.21 -4.99
CA PRO B 53 -18.89 -4.27 -6.04
C PRO B 53 -19.98 -4.76 -6.94
N GLY B 54 -20.96 -3.89 -7.18
CA GLY B 54 -22.09 -4.33 -7.98
C GLY B 54 -22.66 -3.27 -8.89
N SER B 55 -23.81 -3.62 -9.48
CA SER B 55 -24.46 -2.78 -10.48
C SER B 55 -24.98 -1.49 -9.86
N GLN B 56 -25.15 -1.42 -8.55
CA GLN B 56 -25.59 -0.24 -7.84
C GLN B 56 -24.49 0.83 -7.80
N HIS B 57 -23.22 0.44 -7.84
CA HIS B 57 -22.13 1.33 -7.70
C HIS B 57 -21.76 2.04 -9.01
N ILE B 58 -21.52 3.33 -8.95
CA ILE B 58 -21.09 4.03 -10.18
C ILE B 58 -19.60 3.86 -10.31
N ASP B 59 -19.05 4.16 -11.48
CA ASP B 59 -17.65 3.92 -11.75
C ASP B 59 -16.70 4.56 -10.78
N SER B 60 -17.02 5.77 -10.33
CA SER B 60 -16.18 6.52 -9.44
C SER B 60 -16.09 5.88 -8.06
N GLN B 61 -17.10 5.08 -7.70
CA GLN B 61 -17.08 4.37 -6.45
C GLN B 61 -16.12 3.16 -6.44
N LYS B 62 -15.75 2.59 -7.56
CA LYS B 62 -14.96 1.36 -7.57
C LYS B 62 -13.64 1.49 -6.84
N LYS B 63 -12.89 2.56 -7.14
CA LYS B 63 -11.63 2.78 -6.50
C LYS B 63 -11.87 3.05 -5.02
N ALA B 64 -12.96 3.74 -4.63
CA ALA B 64 -13.25 4.10 -3.24
C ALA B 64 -13.59 2.87 -2.42
N ILE B 65 -14.25 1.91 -3.03
CA ILE B 65 -14.55 0.64 -2.33
C ILE B 65 -13.26 -0.07 -1.94
N GLU B 66 -12.35 -0.11 -2.95
CA GLU B 66 -11.08 -0.73 -2.65
C GLU B 66 -10.33 0.00 -1.54
N ARG B 67 -10.36 1.34 -1.60
CA ARG B 67 -9.71 2.13 -0.57
C ARG B 67 -10.31 1.87 0.82
N MET B 68 -11.65 1.75 0.87
CA MET B 68 -12.28 1.55 2.20
C MET B 68 -11.82 0.24 2.83
N LYS B 69 -11.67 -0.85 2.00
CA LYS B 69 -11.20 -2.10 2.58
C LYS B 69 -9.76 -1.93 3.03
N ASP B 70 -8.96 -1.18 2.28
CA ASP B 70 -7.61 -0.90 2.74
C ASP B 70 -7.64 -0.17 4.09
N THR B 71 -8.55 0.82 4.18
CA THR B 71 -8.65 1.62 5.41
C THR B 71 -9.07 0.78 6.62
N LEU B 72 -10.03 -0.09 6.42
CA LEU B 72 -10.50 -0.91 7.54
C LEU B 72 -9.43 -1.88 8.03
N ARG B 73 -8.70 -2.46 7.06
CA ARG B 73 -7.61 -3.38 7.42
C ARG B 73 -6.57 -2.74 8.28
N ILE B 74 -6.11 -1.53 7.82
CA ILE B 74 -5.09 -0.84 8.56
C ILE B 74 -5.60 -0.27 9.89
N ALA B 75 -6.87 0.20 9.89
CA ALA B 75 -7.45 0.61 11.14
C ALA B 75 -7.50 -0.54 12.15
N TYR B 76 -7.89 -1.71 11.65
CA TYR B 76 -7.92 -2.87 12.56
C TYR B 76 -6.58 -3.20 13.14
N LEU B 77 -5.57 -3.22 12.22
CA LEU B 77 -4.27 -3.64 12.67
C LEU B 77 -3.57 -2.65 13.56
N THR B 78 -3.89 -1.37 13.42
CA THR B 78 -3.34 -0.34 14.25
C THR B 78 -4.18 -0.01 15.50
N GLU B 79 -5.29 -0.68 15.64
CA GLU B 79 -6.22 -0.46 16.78
C GLU B 79 -6.74 0.97 16.82
N ALA B 80 -6.87 1.57 15.64
CA ALA B 80 -7.38 2.93 15.57
C ALA B 80 -8.82 3.03 16.04
N LYS B 81 -9.14 4.05 16.84
CA LYS B 81 -10.55 4.19 17.22
C LYS B 81 -11.35 4.72 16.03
N VAL B 82 -12.44 4.01 15.81
CA VAL B 82 -13.42 4.46 14.86
C VAL B 82 -14.40 5.33 15.59
N GLU B 83 -14.63 6.53 15.12
CA GLU B 83 -15.60 7.44 15.73
C GLU B 83 -16.97 7.02 15.29
N LYS B 84 -17.28 7.27 14.02
CA LYS B 84 -18.53 6.97 13.41
C LYS B 84 -18.40 6.20 12.08
N LEU B 85 -19.47 5.48 11.82
CA LEU B 85 -19.71 4.95 10.50
C LEU B 85 -20.98 5.50 9.91
N CYS B 86 -20.94 5.96 8.66
CA CYS B 86 -22.14 6.27 7.90
C CYS B 86 -22.42 4.96 7.13
N VAL B 87 -23.60 4.41 7.28
CA VAL B 87 -23.90 3.16 6.59
C VAL B 87 -25.20 3.20 5.84
N TRP B 88 -25.36 2.36 4.85
CA TRP B 88 -26.67 2.13 4.29
C TRP B 88 -27.31 1.04 5.14
N ASN B 89 -28.54 1.37 5.56
CA ASN B 89 -29.25 0.46 6.48
C ASN B 89 -30.29 -0.34 5.76
N ASN B 90 -30.25 -0.47 4.44
CA ASN B 90 -31.10 -1.28 3.63
C ASN B 90 -30.37 -2.55 3.16
N LYS B 91 -29.30 -2.85 3.88
CA LYS B 91 -28.48 -4.03 3.65
C LYS B 91 -28.22 -4.69 4.99
N THR B 92 -27.94 -5.99 4.99
CA THR B 92 -27.56 -6.70 6.23
C THR B 92 -26.34 -7.52 5.95
N PRO B 93 -25.26 -7.36 6.68
CA PRO B 93 -25.05 -6.36 7.69
C PRO B 93 -25.08 -4.94 7.11
N HIS B 94 -25.30 -3.92 7.91
CA HIS B 94 -25.32 -2.57 7.29
C HIS B 94 -24.01 -2.39 6.49
N ALA B 95 -24.11 -1.60 5.41
CA ALA B 95 -23.03 -1.42 4.45
C ALA B 95 -22.38 -0.07 4.62
N ILE B 96 -21.06 -0.15 4.76
CA ILE B 96 -20.33 1.11 4.98
C ILE B 96 -20.29 2.03 3.78
N ALA B 97 -20.62 3.31 4.06
CA ALA B 97 -20.51 4.38 3.08
C ALA B 97 -19.40 5.33 3.45
N ALA B 98 -19.12 5.51 4.72
CA ALA B 98 -18.07 6.44 5.11
C ALA B 98 -17.62 6.09 6.49
N ILE B 99 -16.44 6.43 6.87
CA ILE B 99 -15.86 6.24 8.15
C ILE B 99 -15.18 7.46 8.67
N SER B 100 -15.29 7.77 9.97
CA SER B 100 -14.52 8.80 10.58
C SER B 100 -13.73 8.18 11.69
N MET B 101 -12.50 8.58 11.84
CA MET B 101 -11.61 8.20 12.88
C MET B 101 -11.16 9.46 13.62
N ALA B 102 -11.19 9.41 14.96
CA ALA B 102 -10.76 10.44 15.83
C ALA B 102 -10.55 9.73 17.18
N ASN B 103 -9.65 10.33 17.92
CA ASN B 103 -9.34 9.92 19.29
C ASN B 103 -8.72 8.56 19.42
N THR C 1 11.77 23.49 -11.00
CA THR C 1 10.55 23.09 -10.20
C THR C 1 10.62 23.78 -8.88
N PRO C 2 9.49 23.86 -8.13
CA PRO C 2 9.50 24.56 -6.86
C PRO C 2 10.40 23.79 -5.92
N GLN C 3 10.98 24.49 -4.97
CA GLN C 3 11.83 23.87 -3.99
C GLN C 3 11.04 23.49 -2.71
N ASN C 4 9.89 24.08 -2.58
CA ASN C 4 9.12 23.89 -1.33
C ASN C 4 7.67 24.17 -1.60
N ILE C 5 6.82 23.83 -0.61
CA ILE C 5 5.40 23.96 -0.81
C ILE C 5 4.92 25.40 -0.94
N THR C 6 5.61 26.34 -0.30
CA THR C 6 5.18 27.74 -0.42
C THR C 6 5.35 28.26 -1.85
N ASP C 7 6.52 27.96 -2.44
CA ASP C 7 6.77 28.38 -3.83
C ASP C 7 5.86 27.65 -4.78
N LEU C 8 5.58 26.34 -4.49
CA LEU C 8 4.65 25.66 -5.35
C LEU C 8 3.28 26.28 -5.30
N ALA C 10 2.49 29.29 -4.67
CA ALA C 10 2.48 30.60 -5.33
C ALA C 10 2.42 30.55 -6.85
N GLU C 11 2.56 29.39 -7.49
CA GLU C 11 2.42 29.23 -8.90
C GLU C 11 0.98 29.14 -9.33
N TYR C 12 0.03 29.00 -8.39
CA TYR C 12 -1.35 28.80 -8.73
C TYR C 12 -2.28 29.92 -8.26
N HIS C 13 -3.29 30.17 -9.02
CA HIS C 13 -4.33 31.12 -8.57
C HIS C 13 -5.21 30.47 -7.51
N ASN C 14 -5.82 31.31 -6.69
CA ASN C 14 -6.82 30.93 -5.71
C ASN C 14 -6.30 29.95 -4.67
N THR C 15 -5.05 30.08 -4.24
CA THR C 15 -4.49 29.21 -3.25
C THR C 15 -3.95 29.99 -2.09
N GLN C 16 -3.78 29.33 -0.99
CA GLN C 16 -3.09 29.90 0.14
C GLN C 16 -2.38 28.77 0.86
N ILE C 17 -1.42 29.11 1.68
CA ILE C 17 -0.78 28.23 2.62
C ILE C 17 -1.50 28.35 3.98
N HIS C 18 -1.67 27.22 4.65
CA HIS C 18 -2.11 27.13 6.03
C HIS C 18 -0.94 26.50 6.78
N THR C 19 -0.45 27.06 7.82
CA THR C 19 0.63 26.47 8.58
C THR C 19 -0.03 25.90 9.83
N LEU C 20 0.01 24.59 9.97
CA LEU C 20 -0.59 23.89 11.09
C LEU C 20 0.39 23.46 12.14
N ASN C 21 1.51 22.86 11.76
CA ASN C 21 2.49 22.27 12.66
C ASN C 21 1.75 21.44 13.73
N ASP C 22 0.95 20.49 13.27
CA ASP C 22 0.18 19.67 14.23
C ASP C 22 -0.21 18.38 13.49
N LYS C 23 -0.52 17.36 14.28
CA LYS C 23 -1.01 16.12 13.70
C LYS C 23 -2.47 16.34 13.34
N ILE C 24 -2.96 15.46 12.52
CA ILE C 24 -4.35 15.44 12.08
C ILE C 24 -5.24 14.94 13.24
N PHE C 25 -6.29 15.70 13.53
CA PHE C 25 -7.21 15.32 14.63
C PHE C 25 -8.23 14.29 14.19
N SER C 26 -8.75 14.42 12.98
CA SER C 26 -9.69 13.45 12.49
C SER C 26 -9.49 13.18 11.00
N TYR C 27 -9.81 11.98 10.61
CA TYR C 27 -9.73 11.52 9.23
C TYR C 27 -11.04 10.94 8.85
N THR C 28 -11.64 11.34 7.80
CA THR C 28 -12.90 10.84 7.30
C THR C 28 -12.77 10.49 5.81
N GLU C 29 -13.32 9.34 5.44
CA GLU C 29 -13.30 9.00 4.02
C GLU C 29 -14.62 8.37 3.67
N SER C 30 -15.03 8.64 2.44
CA SER C 30 -16.28 8.22 1.91
C SER C 30 -16.21 7.52 0.55
N LEU C 31 -17.03 6.51 0.36
CA LEU C 31 -17.23 5.85 -0.92
C LEU C 31 -18.60 6.09 -1.50
N ALA C 32 -19.32 7.01 -0.86
CA ALA C 32 -20.70 7.33 -1.35
C ALA C 32 -20.64 8.00 -2.70
N GLY C 33 -21.57 7.67 -3.59
CA GLY C 33 -21.49 8.19 -4.95
C GLY C 33 -21.56 9.68 -4.98
N LYS C 34 -20.59 10.25 -5.74
CA LYS C 34 -20.42 11.69 -5.90
C LYS C 34 -19.83 12.36 -4.71
N ARG C 35 -19.42 11.57 -3.69
CA ARG C 35 -18.79 12.12 -2.49
C ARG C 35 -17.63 11.20 -2.16
N GLU C 36 -16.93 10.78 -3.22
CA GLU C 36 -15.72 9.93 -3.02
C GLU C 36 -14.57 10.84 -2.66
N MET C 37 -14.41 11.15 -1.41
CA MET C 37 -13.58 12.22 -0.90
C MET C 37 -13.02 11.85 0.45
N ALA C 38 -12.13 12.67 0.91
CA ALA C 38 -11.58 12.59 2.24
C ALA C 38 -11.69 14.00 2.85
N ILE C 39 -11.90 14.00 4.18
CA ILE C 39 -11.95 15.22 4.95
C ILE C 39 -11.04 15.06 6.15
N ILE C 40 -10.19 16.01 6.47
CA ILE C 40 -9.40 15.99 7.65
C ILE C 40 -9.68 17.23 8.52
N THR C 41 -9.49 17.10 9.81
CA THR C 41 -9.61 18.28 10.69
C THR C 41 -8.43 18.32 11.61
N PHE C 42 -8.11 19.47 12.14
CA PHE C 42 -7.11 19.74 13.14
C PHE C 42 -7.81 20.16 14.44
N LYS C 43 -7.12 20.05 15.55
CA LYS C 43 -7.79 20.37 16.85
C LYS C 43 -8.21 21.82 16.96
N ASN C 44 -7.67 22.73 16.16
CA ASN C 44 -8.17 24.12 16.15
C ASN C 44 -9.43 24.29 15.34
N GLY C 45 -10.00 23.28 14.76
CA GLY C 45 -11.20 23.25 14.00
C GLY C 45 -11.01 23.41 12.49
N ALA C 46 -9.76 23.65 12.07
CA ALA C 46 -9.56 23.78 10.63
C ALA C 46 -9.91 22.46 9.92
N THR C 47 -10.64 22.60 8.83
CA THR C 47 -11.17 21.46 8.09
C THR C 47 -10.79 21.54 6.62
N PHE C 48 -10.24 20.44 6.06
CA PHE C 48 -9.83 20.43 4.68
C PHE C 48 -10.37 19.24 3.96
N GLN C 49 -10.55 19.30 2.68
CA GLN C 49 -10.96 18.17 1.90
C GLN C 49 -9.95 17.82 0.81
N VAL C 50 -9.96 16.55 0.41
CA VAL C 50 -9.41 16.13 -0.90
C VAL C 50 -10.66 16.01 -1.76
N GLU C 51 -10.77 16.91 -2.76
CA GLU C 51 -11.92 17.00 -3.60
C GLU C 51 -12.16 15.66 -4.31
N VAL C 52 -13.42 15.43 -4.59
CA VAL C 52 -13.87 14.39 -5.50
C VAL C 52 -13.29 14.62 -6.87
N PRO C 53 -12.68 13.68 -7.54
CA PRO C 53 -12.13 13.93 -8.86
C PRO C 53 -13.20 14.46 -9.79
N GLY C 54 -12.88 15.58 -10.46
CA GLY C 54 -13.83 16.23 -11.32
C GLY C 54 -13.23 16.83 -12.60
N SER C 55 -14.12 17.63 -13.22
CA SER C 55 -13.69 18.27 -14.48
C SER C 55 -12.63 19.27 -14.26
N GLN C 56 -12.39 19.81 -13.09
CA GLN C 56 -11.36 20.75 -12.82
C GLN C 56 -10.00 20.04 -12.80
N HIS C 57 -9.96 18.72 -12.81
CA HIS C 57 -8.71 18.00 -12.69
C HIS C 57 -8.24 17.47 -14.04
N ILE C 58 -6.98 17.60 -14.36
CA ILE C 58 -6.42 17.03 -15.56
C ILE C 58 -6.07 15.56 -15.35
N ASP C 59 -5.88 14.78 -16.40
CA ASP C 59 -5.64 13.34 -16.20
C ASP C 59 -4.49 12.98 -15.26
N SER C 60 -3.40 13.71 -15.35
CA SER C 60 -2.24 13.49 -14.53
C SER C 60 -2.55 13.63 -13.02
N GLN C 61 -3.58 14.41 -12.69
CA GLN C 61 -3.94 14.62 -11.29
C GLN C 61 -4.65 13.43 -10.67
N LYS C 62 -5.22 12.56 -11.50
CA LYS C 62 -5.99 11.45 -10.92
C LYS C 62 -5.22 10.56 -9.97
N LYS C 63 -4.06 10.10 -10.43
CA LYS C 63 -3.27 9.25 -9.55
C LYS C 63 -2.80 10.01 -8.35
N ALA C 64 -2.58 11.33 -8.50
CA ALA C 64 -2.11 12.11 -7.38
C ALA C 64 -3.15 12.36 -6.31
N ILE C 65 -4.40 12.48 -6.73
CA ILE C 65 -5.50 12.61 -5.76
C ILE C 65 -5.55 11.32 -4.94
N GLU C 66 -5.43 10.16 -5.62
CA GLU C 66 -5.44 8.90 -4.87
C GLU C 66 -4.27 8.79 -3.90
N ARG C 67 -3.10 9.21 -4.38
CA ARG C 67 -1.93 9.19 -3.50
C ARG C 67 -2.17 10.10 -2.29
N MET C 68 -2.80 11.29 -2.53
CA MET C 68 -2.98 12.22 -1.40
C MET C 68 -3.81 11.60 -0.27
N LYS C 69 -4.89 10.95 -0.70
CA LYS C 69 -5.74 10.29 0.33
C LYS C 69 -4.98 9.23 1.11
N ASP C 70 -4.12 8.48 0.35
CA ASP C 70 -3.25 7.49 0.98
C ASP C 70 -2.37 8.13 2.01
N THR C 71 -1.76 9.29 1.61
CA THR C 71 -0.87 10.03 2.49
C THR C 71 -1.58 10.54 3.75
N LEU C 72 -2.77 11.09 3.57
CA LEU C 72 -3.49 11.63 4.74
C LEU C 72 -3.86 10.52 5.72
N ARG C 73 -4.26 9.42 5.19
CA ARG C 73 -4.62 8.24 6.03
C ARG C 73 -3.48 7.81 6.89
N ILE C 74 -2.33 7.57 6.24
CA ILE C 74 -1.15 7.13 6.98
C ILE C 74 -0.58 8.21 7.91
N ALA C 75 -0.63 9.48 7.53
CA ALA C 75 -0.23 10.54 8.37
C ALA C 75 -1.12 10.54 9.63
N TYR C 76 -2.42 10.42 9.43
CA TYR C 76 -3.32 10.40 10.61
C TYR C 76 -2.99 9.24 11.54
N LEU C 77 -2.83 8.02 10.97
CA LEU C 77 -2.61 6.86 11.80
C LEU C 77 -1.28 6.84 12.53
N THR C 78 -0.28 7.51 11.95
CA THR C 78 1.01 7.56 12.56
C THR C 78 1.23 8.79 13.42
N GLU C 79 0.21 9.65 13.45
CA GLU C 79 0.28 10.92 14.18
C GLU C 79 1.41 11.80 13.67
N ALA C 80 1.69 11.75 12.35
CA ALA C 80 2.70 12.59 11.77
C ALA C 80 2.33 14.08 11.82
N LYS C 81 3.30 14.93 12.20
CA LYS C 81 2.97 16.37 12.19
C LYS C 81 2.88 16.89 10.76
N VAL C 82 1.79 17.55 10.48
CA VAL C 82 1.60 18.25 9.24
C VAL C 82 2.21 19.65 9.42
N GLU C 83 3.12 20.03 8.53
CA GLU C 83 3.69 21.38 8.62
C GLU C 83 2.72 22.35 8.01
N LYS C 84 2.59 22.26 6.68
CA LYS C 84 1.77 23.16 5.91
C LYS C 84 0.89 22.40 4.95
N LEU C 85 -0.21 23.07 4.62
CA LEU C 85 -1.07 22.64 3.54
C LEU C 85 -1.12 23.77 2.53
N CYS C 86 -1.03 23.44 1.25
CA CYS C 86 -1.31 24.37 0.19
C CYS C 86 -2.74 24.02 -0.24
N VAL C 87 -3.65 24.99 -0.18
CA VAL C 87 -5.00 24.69 -0.53
C VAL C 87 -5.59 25.66 -1.55
N TRP C 88 -6.61 25.22 -2.22
CA TRP C 88 -7.44 26.20 -2.96
C TRP C 88 -8.46 26.70 -1.92
N ASN C 89 -8.43 28.05 -1.75
CA ASN C 89 -9.31 28.73 -0.78
C ASN C 89 -10.48 29.32 -1.48
N ASN C 90 -10.86 28.82 -2.64
CA ASN C 90 -12.05 29.13 -3.35
C ASN C 90 -13.04 27.97 -3.32
N LYS C 91 -12.89 27.08 -2.33
CA LYS C 91 -13.74 25.92 -2.09
C LYS C 91 -13.92 25.90 -0.58
N THR C 92 -15.00 25.31 -0.07
CA THR C 92 -15.27 25.09 1.32
C THR C 92 -15.68 23.63 1.51
N PRO C 93 -15.01 22.90 2.38
CA PRO C 93 -13.80 23.25 3.05
C PRO C 93 -12.70 23.54 2.01
N HIS C 94 -11.70 24.24 2.45
CA HIS C 94 -10.53 24.49 1.52
C HIS C 94 -10.07 23.11 0.99
N ALA C 95 -9.67 23.08 -0.29
CA ALA C 95 -9.28 21.86 -0.94
C ALA C 95 -7.78 21.73 -1.05
N ILE C 96 -7.29 20.59 -0.60
CA ILE C 96 -5.85 20.32 -0.57
C ILE C 96 -5.27 20.17 -1.96
N ALA C 97 -4.19 20.93 -2.18
CA ALA C 97 -3.34 20.91 -3.37
C ALA C 97 -2.03 20.25 -3.03
N ALA C 98 -1.49 20.48 -1.86
CA ALA C 98 -0.20 19.87 -1.49
C ALA C 98 -0.08 19.83 0.02
N ILE C 99 0.78 18.97 0.53
CA ILE C 99 1.02 18.82 1.94
C ILE C 99 2.50 18.75 2.20
N SER C 100 2.98 19.36 3.25
CA SER C 100 4.33 19.14 3.68
C SER C 100 4.26 18.62 5.12
N MET C 101 5.16 17.70 5.41
CA MET C 101 5.33 17.11 6.70
C MET C 101 6.75 17.32 7.14
N ALA C 102 6.93 17.86 8.33
CA ALA C 102 8.20 18.06 8.91
C ALA C 102 7.88 18.13 10.42
N ASN C 103 8.90 17.73 11.11
CA ASN C 103 8.97 17.75 12.59
C ASN C 103 8.07 16.82 13.36
N THR D 1 23.58 -6.84 -14.38
CA THR D 1 22.92 -5.63 -13.76
C THR D 1 23.83 -5.09 -12.74
N PRO D 2 23.65 -3.84 -12.33
CA PRO D 2 24.57 -3.25 -11.40
C PRO D 2 24.41 -3.97 -10.08
N GLN D 3 25.44 -3.96 -9.29
CA GLN D 3 25.32 -4.56 -7.95
C GLN D 3 24.92 -3.56 -6.91
N ASN D 4 25.00 -2.25 -7.18
CA ASN D 4 24.76 -1.21 -6.20
C ASN D 4 24.42 0.09 -6.93
N ILE D 5 23.94 1.03 -6.09
CA ILE D 5 23.50 2.32 -6.61
C ILE D 5 24.60 3.16 -7.23
N THR D 6 25.82 3.02 -6.76
CA THR D 6 26.89 3.81 -7.38
C THR D 6 27.17 3.33 -8.78
N ASP D 7 27.16 2.02 -9.03
CA ASP D 7 27.38 1.44 -10.34
C ASP D 7 26.20 1.72 -11.26
N LEU D 8 24.99 1.72 -10.73
CA LEU D 8 23.84 2.04 -11.54
C LEU D 8 23.90 3.51 -11.99
N ALA D 10 26.46 5.36 -12.51
CA ALA D 10 27.49 5.57 -13.54
C ALA D 10 27.07 5.17 -14.94
N GLU D 11 25.95 4.49 -15.11
CA GLU D 11 25.47 4.09 -16.42
C GLU D 11 24.81 5.23 -17.17
N TYR D 12 24.53 6.36 -16.46
CA TYR D 12 23.74 7.43 -17.04
C TYR D 12 24.49 8.74 -17.13
N HIS D 13 24.15 9.55 -18.12
CA HIS D 13 24.66 10.92 -18.18
C HIS D 13 23.91 11.84 -17.23
N ASN D 14 24.52 12.93 -16.86
CA ASN D 14 23.98 13.97 -15.98
C ASN D 14 23.59 13.42 -14.61
N THR D 15 24.30 12.45 -14.08
CA THR D 15 23.93 12.00 -12.75
C THR D 15 25.06 12.20 -11.78
N GLN D 16 24.71 12.12 -10.48
CA GLN D 16 25.64 12.11 -9.42
C GLN D 16 25.03 11.39 -8.21
N ILE D 17 25.93 10.89 -7.38
CA ILE D 17 25.54 10.29 -6.11
C ILE D 17 25.63 11.37 -5.04
N HIS D 18 24.61 11.46 -4.19
CA HIS D 18 24.62 12.18 -2.94
C HIS D 18 24.61 11.12 -1.80
N THR D 19 25.54 11.23 -0.87
CA THR D 19 25.61 10.32 0.27
C THR D 19 25.13 11.09 1.48
N LEU D 20 23.97 10.67 1.99
CA LEU D 20 23.24 11.37 3.03
C LEU D 20 23.46 10.73 4.40
N ASN D 21 23.25 9.41 4.45
CA ASN D 21 23.30 8.67 5.70
C ASN D 21 22.47 9.39 6.79
N ASP D 22 21.24 9.68 6.41
CA ASP D 22 20.34 10.39 7.34
C ASP D 22 18.88 10.18 6.96
N LYS D 23 18.03 10.32 7.95
CA LYS D 23 16.59 10.25 7.63
C LYS D 23 16.13 11.50 6.92
N ILE D 24 15.02 11.40 6.22
CA ILE D 24 14.44 12.52 5.52
C ILE D 24 13.89 13.55 6.53
N PHE D 25 14.19 14.83 6.29
CA PHE D 25 13.71 15.90 7.20
C PHE D 25 12.33 16.36 6.89
N SER D 26 11.97 16.48 5.61
CA SER D 26 10.65 16.85 5.20
C SER D 26 10.26 16.13 3.93
N TYR D 27 8.97 15.92 3.89
CA TYR D 27 8.35 15.25 2.75
C TYR D 27 7.17 16.09 2.28
N THR D 28 7.15 16.51 1.05
CA THR D 28 6.11 17.28 0.42
C THR D 28 5.58 16.57 -0.80
N GLU D 29 4.27 16.59 -0.95
CA GLU D 29 3.66 16.03 -2.14
C GLU D 29 2.54 16.91 -2.60
N SER D 30 2.41 16.95 -3.90
CA SER D 30 1.45 17.80 -4.58
C SER D 30 0.63 17.05 -5.57
N LEU D 31 -0.64 17.42 -5.63
CA LEU D 31 -1.57 16.94 -6.65
C LEU D 31 -1.95 18.05 -7.65
N ALA D 32 -1.37 19.23 -7.51
CA ALA D 32 -1.62 20.38 -8.38
C ALA D 32 -1.27 20.09 -9.82
N GLY D 33 -2.08 20.51 -10.77
CA GLY D 33 -1.89 20.15 -12.18
C GLY D 33 -0.56 20.65 -12.70
N LYS D 34 0.13 19.70 -13.35
CA LYS D 34 1.44 19.93 -13.93
C LYS D 34 2.50 20.03 -12.89
N ARG D 35 2.23 19.77 -11.58
CA ARG D 35 3.14 19.72 -10.50
C ARG D 35 2.76 18.51 -9.58
N GLU D 36 2.48 17.38 -10.23
CA GLU D 36 2.20 16.15 -9.48
C GLU D 36 3.51 15.47 -9.19
N MET D 37 4.10 15.83 -8.09
CA MET D 37 5.47 15.54 -7.77
C MET D 37 5.65 15.43 -6.26
N ALA D 38 6.80 14.98 -5.86
CA ALA D 38 7.17 14.93 -4.46
C ALA D 38 8.49 15.67 -4.35
N ILE D 39 8.74 16.28 -3.20
CA ILE D 39 9.93 16.99 -2.87
C ILE D 39 10.34 16.56 -1.47
N ILE D 40 11.60 16.20 -1.26
CA ILE D 40 12.08 15.85 0.06
C ILE D 40 13.26 16.77 0.37
N THR D 41 13.49 16.98 1.65
CA THR D 41 14.67 17.67 2.12
C THR D 41 15.34 16.88 3.23
N PHE D 42 16.60 17.14 3.38
CA PHE D 42 17.41 16.62 4.50
C PHE D 42 17.74 17.83 5.40
N LYS D 43 18.13 17.56 6.62
CA LYS D 43 18.44 18.55 7.62
C LYS D 43 19.46 19.55 7.09
N ASN D 44 20.40 19.09 6.32
CA ASN D 44 21.41 20.04 5.75
C ASN D 44 20.82 20.91 4.69
N GLY D 45 19.58 20.86 4.28
CA GLY D 45 18.98 21.72 3.31
C GLY D 45 18.96 21.07 1.93
N ALA D 46 19.66 19.94 1.72
CA ALA D 46 19.66 19.36 0.37
C ALA D 46 18.21 18.95 0.04
N THR D 47 17.82 19.29 -1.15
CA THR D 47 16.46 19.14 -1.65
C THR D 47 16.45 18.37 -2.95
N PHE D 48 15.50 17.45 -3.07
CA PHE D 48 15.40 16.53 -4.18
C PHE D 48 13.97 16.43 -4.62
N GLN D 49 13.73 16.16 -5.87
CA GLN D 49 12.40 15.93 -6.36
C GLN D 49 12.23 14.55 -7.01
N VAL D 50 11.01 14.07 -7.01
CA VAL D 50 10.58 13.05 -7.95
C VAL D 50 9.87 13.83 -9.05
N GLU D 51 10.44 13.81 -10.25
CA GLU D 51 9.86 14.61 -11.30
C GLU D 51 8.47 14.24 -11.66
N VAL D 52 7.74 15.25 -12.13
CA VAL D 52 6.45 14.98 -12.78
C VAL D 52 6.72 14.07 -13.97
N PRO D 53 5.94 13.07 -14.24
CA PRO D 53 6.15 12.29 -15.43
C PRO D 53 6.04 13.12 -16.69
N GLY D 54 6.96 12.94 -17.62
CA GLY D 54 6.97 13.74 -18.85
C GLY D 54 7.55 13.02 -20.04
N SER D 55 7.77 13.81 -21.13
CA SER D 55 8.26 13.25 -22.39
C SER D 55 9.64 12.76 -22.27
N GLN D 56 10.39 13.08 -21.20
CA GLN D 56 11.70 12.54 -21.05
C GLN D 56 11.59 11.05 -20.64
N HIS D 57 10.55 10.63 -19.95
CA HIS D 57 10.44 9.28 -19.45
C HIS D 57 9.86 8.32 -20.44
N ILE D 58 10.31 7.08 -20.34
CA ILE D 58 9.80 5.98 -21.15
C ILE D 58 8.72 5.30 -20.34
N ASP D 59 7.89 4.51 -21.02
CA ASP D 59 6.76 3.86 -20.37
C ASP D 59 7.15 3.03 -19.15
N SER D 60 8.27 2.29 -19.24
CA SER D 60 8.59 1.46 -18.09
C SER D 60 8.88 2.22 -16.82
N GLN D 61 9.17 3.51 -16.91
CA GLN D 61 9.48 4.32 -15.76
C GLN D 61 8.21 4.79 -15.05
N LYS D 62 7.04 4.74 -15.69
CA LYS D 62 5.84 5.29 -15.01
C LYS D 62 5.56 4.62 -13.69
N LYS D 63 5.55 3.29 -13.64
CA LYS D 63 5.27 2.57 -12.39
C LYS D 63 6.34 2.85 -11.36
N ALA D 64 7.60 2.97 -11.84
CA ALA D 64 8.74 3.21 -10.97
C ALA D 64 8.72 4.57 -10.32
N ILE D 65 8.27 5.57 -11.04
CA ILE D 65 8.09 6.92 -10.46
C ILE D 65 7.06 6.85 -9.32
N GLU D 66 5.95 6.14 -9.57
CA GLU D 66 4.94 6.04 -8.50
C GLU D 66 5.54 5.33 -7.30
N ARG D 67 6.24 4.22 -7.54
CA ARG D 67 6.85 3.47 -6.44
C ARG D 67 7.82 4.31 -5.66
N MET D 68 8.62 5.16 -6.36
CA MET D 68 9.57 5.97 -5.63
C MET D 68 8.90 6.93 -4.64
N LYS D 69 7.80 7.55 -5.09
CA LYS D 69 7.06 8.47 -4.18
C LYS D 69 6.52 7.67 -2.98
N ASP D 70 6.07 6.42 -3.23
CA ASP D 70 5.62 5.59 -2.11
C ASP D 70 6.78 5.34 -1.14
N THR D 71 7.96 4.98 -1.71
CA THR D 71 9.13 4.68 -0.94
C THR D 71 9.55 5.83 -0.05
N LEU D 72 9.56 7.06 -0.70
CA LEU D 72 9.97 8.23 0.09
C LEU D 72 9.02 8.55 1.24
N ARG D 73 7.72 8.38 0.98
CA ARG D 73 6.75 8.68 2.04
C ARG D 73 6.94 7.75 3.21
N ILE D 74 7.04 6.43 2.93
CA ILE D 74 7.20 5.50 4.07
C ILE D 74 8.54 5.58 4.74
N ALA D 75 9.61 5.88 3.97
CA ALA D 75 10.89 6.13 4.56
C ALA D 75 10.80 7.33 5.51
N TYR D 76 10.14 8.41 5.01
CA TYR D 76 9.95 9.58 5.89
C TYR D 76 9.23 9.25 7.20
N LEU D 77 8.14 8.52 7.07
CA LEU D 77 7.33 8.26 8.30
C LEU D 77 7.96 7.31 9.27
N THR D 78 8.83 6.40 8.75
CA THR D 78 9.49 5.41 9.58
C THR D 78 10.82 5.92 10.06
N GLU D 79 11.25 7.12 9.59
CA GLU D 79 12.56 7.61 9.96
C GLU D 79 13.72 6.72 9.46
N ALA D 80 13.51 6.04 8.32
CA ALA D 80 14.54 5.19 7.77
C ALA D 80 15.72 6.01 7.30
N LYS D 81 16.92 5.54 7.64
CA LYS D 81 18.09 6.30 7.13
C LYS D 81 18.24 6.06 5.62
N VAL D 82 18.36 7.13 4.87
CA VAL D 82 18.69 7.05 3.46
C VAL D 82 20.23 7.07 3.39
N GLU D 83 20.79 6.06 2.71
CA GLU D 83 22.21 6.00 2.53
C GLU D 83 22.57 6.95 1.38
N LYS D 84 22.18 6.63 0.16
CA LYS D 84 22.55 7.42 -1.02
C LYS D 84 21.33 7.67 -1.89
N LEU D 85 21.46 8.78 -2.66
CA LEU D 85 20.53 9.05 -3.72
C LEU D 85 21.36 9.19 -5.01
N CYS D 86 20.92 8.57 -6.06
CA CYS D 86 21.47 8.81 -7.41
C CYS D 86 20.46 9.76 -8.02
N VAL D 87 20.94 10.92 -8.55
CA VAL D 87 20.10 11.98 -9.04
C VAL D 87 20.60 12.49 -10.40
N TRP D 88 19.67 13.01 -11.16
CA TRP D 88 20.03 13.78 -12.37
C TRP D 88 20.22 15.25 -11.89
N ASN D 89 21.39 15.78 -12.22
CA ASN D 89 21.79 17.12 -11.82
C ASN D 89 21.56 18.19 -12.90
N ASN D 90 20.84 17.87 -13.92
CA ASN D 90 20.41 18.85 -14.94
C ASN D 90 19.03 19.35 -14.65
N LYS D 91 18.50 19.13 -13.43
CA LYS D 91 17.18 19.63 -12.99
C LYS D 91 17.38 20.32 -11.68
N THR D 92 16.49 21.19 -11.27
CA THR D 92 16.50 21.76 -9.92
C THR D 92 15.07 21.74 -9.39
N PRO D 93 14.86 21.18 -8.21
CA PRO D 93 15.81 20.42 -7.43
C PRO D 93 16.32 19.20 -8.22
N HIS D 94 17.45 18.66 -7.84
CA HIS D 94 18.00 17.46 -8.49
C HIS D 94 16.92 16.39 -8.44
N ALA D 95 16.81 15.64 -9.52
CA ALA D 95 15.76 14.65 -9.71
C ALA D 95 16.23 13.27 -9.34
N ILE D 96 15.47 12.62 -8.47
CA ILE D 96 15.88 11.26 -8.01
C ILE D 96 15.70 10.18 -9.07
N ALA D 97 16.80 9.46 -9.29
CA ALA D 97 16.85 8.30 -10.13
C ALA D 97 16.84 6.98 -9.35
N ALA D 98 17.49 7.00 -8.20
CA ALA D 98 17.53 5.78 -7.40
C ALA D 98 17.80 6.18 -5.97
N ILE D 99 17.44 5.29 -5.02
CA ILE D 99 17.66 5.50 -3.60
C ILE D 99 18.20 4.24 -2.95
N SER D 100 19.10 4.34 -2.03
CA SER D 100 19.54 3.17 -1.23
C SER D 100 19.32 3.53 0.23
N MET D 101 18.87 2.56 0.99
CA MET D 101 18.61 2.61 2.41
C MET D 101 19.45 1.53 3.08
N ALA D 102 20.14 1.94 4.15
CA ALA D 102 20.95 0.99 4.91
C ALA D 102 21.05 1.63 6.30
N ASN D 103 21.13 0.81 7.29
CA ASN D 103 21.03 1.14 8.70
C ASN D 103 21.84 2.31 9.17
N THR E 1 0.04 -27.99 -5.35
CA THR E 1 0.91 -26.82 -5.56
C THR E 1 1.98 -27.02 -4.52
N PRO E 2 3.04 -26.25 -4.61
CA PRO E 2 4.14 -26.36 -3.70
C PRO E 2 3.75 -26.15 -2.25
N GLN E 3 4.35 -26.95 -1.38
CA GLN E 3 4.11 -26.82 0.03
C GLN E 3 5.00 -25.81 0.69
N ASN E 4 6.09 -25.45 -0.03
CA ASN E 4 7.10 -24.57 0.51
C ASN E 4 8.02 -24.05 -0.61
N ILE E 5 8.87 -23.12 -0.23
CA ILE E 5 9.74 -22.47 -1.22
C ILE E 5 10.74 -23.40 -1.84
N THR E 6 11.18 -24.40 -1.06
CA THR E 6 12.14 -25.36 -1.63
C THR E 6 11.52 -26.18 -2.74
N ASP E 7 10.32 -26.69 -2.55
CA ASP E 7 9.62 -27.47 -3.55
C ASP E 7 9.30 -26.62 -4.75
N LEU E 8 8.94 -25.34 -4.54
CA LEU E 8 8.66 -24.43 -5.63
C LEU E 8 9.90 -24.18 -6.51
N ALA E 10 12.39 -25.99 -6.84
CA ALA E 10 12.78 -27.18 -7.62
C ALA E 10 11.98 -27.43 -8.85
N GLU E 11 10.96 -26.70 -9.17
CA GLU E 11 10.19 -26.84 -10.37
C GLU E 11 10.84 -26.15 -11.58
N TYR E 12 11.84 -25.33 -11.35
CA TYR E 12 12.47 -24.48 -12.35
C TYR E 12 13.92 -24.79 -12.61
N HIS E 13 14.33 -24.50 -13.88
CA HIS E 13 15.73 -24.64 -14.21
C HIS E 13 16.44 -23.39 -13.80
N ASN E 14 17.71 -23.43 -13.57
CA ASN E 14 18.60 -22.36 -13.25
C ASN E 14 18.27 -21.73 -11.91
N THR E 15 17.70 -22.49 -10.98
CA THR E 15 17.38 -21.89 -9.69
C THR E 15 18.12 -22.59 -8.59
N GLN E 16 18.23 -21.90 -7.47
CA GLN E 16 18.78 -22.43 -6.26
C GLN E 16 18.16 -21.69 -5.05
N ILE E 17 18.24 -22.40 -3.92
CA ILE E 17 17.84 -21.80 -2.65
C ILE E 17 19.02 -21.19 -1.92
N HIS E 18 18.83 -19.97 -1.40
CA HIS E 18 19.75 -19.35 -0.47
C HIS E 18 19.06 -19.32 0.89
N THR E 19 19.67 -19.80 1.94
CA THR E 19 19.13 -19.77 3.29
C THR E 19 19.85 -18.68 4.05
N LEU E 20 19.10 -17.60 4.39
CA LEU E 20 19.70 -16.46 5.02
C LEU E 20 19.46 -16.37 6.51
N ASN E 21 18.20 -16.60 6.90
CA ASN E 21 17.81 -16.45 8.31
C ASN E 21 18.33 -15.17 8.91
N ASP E 22 18.08 -14.03 8.20
CA ASP E 22 18.55 -12.75 8.64
C ASP E 22 17.69 -11.65 8.00
N LYS E 23 17.65 -10.47 8.63
CA LYS E 23 16.98 -9.32 8.05
C LYS E 23 17.76 -8.82 6.80
N ILE E 24 17.09 -8.01 5.99
CA ILE E 24 17.76 -7.38 4.83
C ILE E 24 18.58 -6.24 5.36
N PHE E 25 19.83 -6.09 4.89
CA PHE E 25 20.77 -5.07 5.33
C PHE E 25 20.63 -3.79 4.52
N SER E 26 20.35 -3.89 3.23
CA SER E 26 20.15 -2.69 2.40
C SER E 26 19.09 -2.96 1.35
N TYR E 27 18.40 -1.89 0.99
CA TYR E 27 17.35 -1.90 -0.02
C TYR E 27 17.58 -0.70 -0.96
N THR E 28 17.70 -1.04 -2.24
CA THR E 28 17.92 -0.03 -3.28
C THR E 28 16.85 -0.19 -4.33
N GLU E 29 16.32 0.95 -4.77
CA GLU E 29 15.36 0.90 -5.87
C GLU E 29 15.63 2.08 -6.84
N SER E 30 15.43 1.74 -8.10
CA SER E 30 15.70 2.67 -9.20
C SER E 30 14.54 2.87 -10.15
N LEU E 31 14.37 4.14 -10.59
CA LEU E 31 13.38 4.41 -11.63
C LEU E 31 14.08 4.80 -12.95
N ALA E 32 15.40 4.68 -12.99
CA ALA E 32 16.13 5.07 -14.21
C ALA E 32 15.77 4.16 -15.37
N GLY E 33 15.70 4.77 -16.57
CA GLY E 33 15.22 4.04 -17.73
C GLY E 33 16.04 2.82 -18.05
N LYS E 34 15.34 1.71 -18.22
CA LYS E 34 15.97 0.40 -18.48
C LYS E 34 16.59 -0.24 -17.27
N ARG E 35 16.50 0.40 -16.10
CA ARG E 35 17.01 -0.13 -14.85
C ARG E 35 15.96 0.07 -13.77
N GLU E 36 14.71 -0.19 -14.11
CA GLU E 36 13.60 -0.06 -13.11
C GLU E 36 13.56 -1.42 -12.37
N MET E 37 14.36 -1.42 -11.31
CA MET E 37 14.69 -2.61 -10.53
C MET E 37 14.92 -2.35 -9.07
N ALA E 38 15.05 -3.43 -8.29
CA ALA E 38 15.40 -3.28 -6.87
C ALA E 38 16.59 -4.23 -6.66
N ILE E 39 17.42 -3.82 -5.69
CA ILE E 39 18.56 -4.61 -5.30
C ILE E 39 18.54 -4.69 -3.76
N ILE E 40 18.75 -5.87 -3.18
CA ILE E 40 18.88 -6.00 -1.74
C ILE E 40 20.21 -6.68 -1.41
N THR E 41 20.71 -6.34 -0.24
CA THR E 41 21.86 -7.04 0.26
C THR E 41 21.59 -7.51 1.71
N PHE E 42 22.36 -8.53 2.08
CA PHE E 42 22.38 -9.05 3.43
C PHE E 42 23.72 -8.63 4.07
N LYS E 43 23.83 -8.66 5.39
CA LYS E 43 24.99 -8.16 6.08
C LYS E 43 26.26 -8.87 5.62
N ASN E 44 26.23 -10.14 5.26
CA ASN E 44 27.39 -10.87 4.74
C ASN E 44 27.85 -10.43 3.34
N GLY E 45 27.03 -9.51 2.72
CA GLY E 45 27.36 -9.00 1.41
C GLY E 45 26.58 -9.56 0.27
N ALA E 46 25.92 -10.70 0.44
CA ALA E 46 25.19 -11.32 -0.65
C ALA E 46 24.14 -10.37 -1.18
N THR E 47 24.14 -10.29 -2.52
CA THR E 47 23.31 -9.34 -3.22
C THR E 47 22.40 -10.01 -4.20
N PHE E 48 21.16 -9.52 -4.24
CA PHE E 48 20.09 -10.06 -5.05
C PHE E 48 19.32 -8.95 -5.76
N GLN E 49 18.75 -9.25 -6.91
CA GLN E 49 17.99 -8.26 -7.62
C GLN E 49 16.55 -8.80 -7.84
N VAL E 50 15.64 -7.85 -8.00
CA VAL E 50 14.36 -8.08 -8.66
C VAL E 50 14.56 -7.53 -10.09
N GLU E 51 14.61 -8.39 -11.09
CA GLU E 51 14.89 -7.96 -12.46
C GLU E 51 13.93 -6.94 -13.00
N VAL E 52 14.47 -6.14 -13.89
CA VAL E 52 13.66 -5.27 -14.74
C VAL E 52 12.67 -6.15 -15.47
N PRO E 53 11.42 -5.81 -15.60
CA PRO E 53 10.49 -6.59 -16.42
C PRO E 53 10.97 -6.67 -17.85
N GLY E 54 10.96 -7.84 -18.42
CA GLY E 54 11.41 -7.99 -19.81
C GLY E 54 10.74 -9.14 -20.54
N SER E 55 11.33 -9.42 -21.72
CA SER E 55 10.76 -10.49 -22.54
C SER E 55 10.94 -11.85 -21.95
N GLN E 56 11.69 -12.13 -20.94
CA GLN E 56 11.75 -13.45 -20.30
C GLN E 56 10.57 -13.64 -19.36
N HIS E 57 9.81 -12.60 -19.06
CA HIS E 57 8.65 -12.70 -18.17
C HIS E 57 7.33 -12.85 -18.86
N ILE E 58 6.47 -13.75 -18.41
CA ILE E 58 5.17 -13.84 -18.95
C ILE E 58 4.35 -12.79 -18.24
N ASP E 59 3.18 -12.51 -18.83
CA ASP E 59 2.36 -11.41 -18.39
C ASP E 59 1.97 -11.51 -16.91
N SER E 60 1.65 -12.72 -16.42
CA SER E 60 1.25 -12.89 -15.05
C SER E 60 2.34 -12.59 -14.05
N GLN E 61 3.59 -12.62 -14.48
CA GLN E 61 4.66 -12.29 -13.57
C GLN E 61 4.75 -10.79 -13.38
N LYS E 62 4.22 -9.97 -14.29
CA LYS E 62 4.41 -8.54 -14.10
C LYS E 62 3.88 -8.00 -12.76
N LYS E 63 2.67 -8.39 -12.38
CA LYS E 63 2.06 -7.96 -11.14
C LYS E 63 2.90 -8.48 -9.97
N ALA E 64 3.46 -9.73 -10.11
CA ALA E 64 4.16 -10.35 -9.03
C ALA E 64 5.49 -9.71 -8.81
N ILE E 65 6.12 -9.23 -9.90
CA ILE E 65 7.37 -8.48 -9.77
C ILE E 65 7.14 -7.22 -8.93
N GLU E 66 6.04 -6.51 -9.23
CA GLU E 66 5.69 -5.32 -8.47
C GLU E 66 5.44 -5.65 -7.01
N ARG E 67 4.72 -6.76 -6.73
CA ARG E 67 4.47 -7.18 -5.37
C ARG E 67 5.77 -7.50 -4.63
N MET E 68 6.67 -8.20 -5.36
CA MET E 68 7.94 -8.58 -4.71
C MET E 68 8.70 -7.33 -4.21
N LYS E 69 8.75 -6.27 -5.09
CA LYS E 69 9.44 -5.07 -4.64
C LYS E 69 8.76 -4.44 -3.45
N ASP E 70 7.44 -4.48 -3.43
CA ASP E 70 6.68 -4.01 -2.28
C ASP E 70 7.08 -4.78 -0.99
N THR E 71 7.15 -6.14 -1.16
CA THR E 71 7.47 -7.06 -0.07
C THR E 71 8.82 -6.76 0.49
N LEU E 72 9.79 -6.62 -0.45
CA LEU E 72 11.15 -6.41 0.01
C LEU E 72 11.29 -5.06 0.71
N ARG E 73 10.60 -4.03 0.26
CA ARG E 73 10.70 -2.74 0.95
C ARG E 73 10.13 -2.78 2.38
N ILE E 74 8.95 -3.42 2.50
CA ILE E 74 8.35 -3.51 3.86
C ILE E 74 9.11 -4.45 4.77
N ALA E 75 9.61 -5.55 4.20
CA ALA E 75 10.43 -6.46 4.99
C ALA E 75 11.65 -5.69 5.53
N TYR E 76 12.30 -4.91 4.61
CA TYR E 76 13.46 -4.14 5.01
C TYR E 76 13.11 -3.17 6.15
N LEU E 77 12.02 -2.41 5.94
CA LEU E 77 11.66 -1.41 6.95
C LEU E 77 11.27 -1.96 8.32
N THR E 78 10.68 -3.12 8.32
CA THR E 78 10.25 -3.77 9.55
C THR E 78 11.24 -4.73 10.15
N GLU E 79 12.40 -4.85 9.51
CA GLU E 79 13.48 -5.72 9.92
C GLU E 79 13.09 -7.18 10.04
N ALA E 80 12.17 -7.55 9.16
CA ALA E 80 11.73 -8.93 9.17
C ALA E 80 12.85 -9.91 8.75
N LYS E 81 12.92 -11.01 9.48
CA LYS E 81 13.92 -12.01 9.08
C LYS E 81 13.45 -12.76 7.83
N VAL E 82 14.37 -12.74 6.82
CA VAL E 82 14.22 -13.53 5.63
C VAL E 82 14.79 -14.94 5.91
N GLU E 83 13.93 -15.93 5.67
CA GLU E 83 14.37 -17.29 5.84
C GLU E 83 15.10 -17.73 4.58
N LYS E 84 14.45 -17.88 3.46
CA LYS E 84 15.14 -18.31 2.24
C LYS E 84 14.74 -17.42 1.08
N LEU E 85 15.61 -17.44 0.06
CA LEU E 85 15.29 -16.86 -1.21
C LEU E 85 15.48 -17.97 -2.28
N CYS E 86 14.54 -18.08 -3.21
CA CYS E 86 14.74 -18.89 -4.39
C CYS E 86 15.16 -17.89 -5.48
N VAL E 87 16.26 -18.19 -6.13
CA VAL E 87 16.78 -17.26 -7.12
C VAL E 87 17.18 -17.96 -8.43
N TRP E 88 17.15 -17.15 -9.51
CA TRP E 88 17.74 -17.67 -10.78
C TRP E 88 19.22 -17.26 -10.71
N ASN E 89 20.11 -18.28 -10.87
CA ASN E 89 21.52 -18.07 -10.75
C ASN E 89 22.20 -17.89 -12.13
N ASN E 90 21.46 -17.67 -13.17
CA ASN E 90 22.02 -17.36 -14.48
C ASN E 90 22.07 -15.86 -14.72
N LYS E 91 21.82 -15.11 -13.65
CA LYS E 91 21.83 -13.64 -13.67
C LYS E 91 22.76 -13.14 -12.60
N THR E 92 23.33 -11.96 -12.74
CA THR E 92 24.11 -11.34 -11.73
C THR E 92 23.65 -9.91 -11.51
N PRO E 93 23.28 -9.51 -10.30
CA PRO E 93 23.10 -10.33 -9.16
C PRO E 93 22.03 -11.40 -9.40
N HIS E 94 22.06 -12.50 -8.61
CA HIS E 94 21.05 -13.51 -8.72
C HIS E 94 19.67 -12.88 -8.59
N ALA E 95 18.77 -13.36 -9.39
CA ALA E 95 17.45 -12.75 -9.53
C ALA E 95 16.43 -13.49 -8.68
N ILE E 96 15.72 -12.75 -7.86
CA ILE E 96 14.74 -13.34 -6.95
C ILE E 96 13.54 -13.84 -7.69
N ALA E 97 13.24 -15.13 -7.37
CA ALA E 97 12.05 -15.78 -7.87
C ALA E 97 11.00 -15.91 -6.73
N ALA E 98 11.45 -16.12 -5.52
CA ALA E 98 10.52 -16.25 -4.36
C ALA E 98 11.28 -15.95 -3.08
N ILE E 99 10.47 -15.59 -2.03
CA ILE E 99 11.02 -15.31 -0.72
C ILE E 99 10.19 -16.01 0.38
N SER E 100 10.85 -16.46 1.41
CA SER E 100 10.11 -16.96 2.58
C SER E 100 10.63 -16.18 3.76
N MET E 101 9.71 -15.81 4.66
CA MET E 101 9.95 -15.11 5.88
C MET E 101 9.47 -15.96 7.09
N ALA E 102 10.33 -16.07 8.05
CA ALA E 102 9.97 -16.86 9.27
C ALA E 102 10.94 -16.40 10.33
N ASN E 103 10.49 -16.35 11.57
CA ASN E 103 11.30 -15.80 12.64
C ASN E 103 12.30 -16.74 13.23
#